data_4ZNY
#
_entry.id   4ZNY
#
_cell.length_a   78.622
_cell.length_b   119.743
_cell.length_c   41.641
_cell.angle_alpha   90.000
_cell.angle_beta   90.000
_cell.angle_gamma   90.000
#
_symmetry.space_group_name_H-M   'C 2 2 21'
#
loop_
_entity.id
_entity.type
_entity.pdbx_description
1 polymer 'Tumor susceptibility gene 101 protein'
2 polymer 'T-cell leukemia virus type I, partial gag gene; HTLV1 (human T-lymphotropic virus type I)'
3 non-polymer 'SULFATE ION'
4 water water
#
loop_
_entity_poly.entity_id
_entity_poly.type
_entity_poly.pdbx_seq_one_letter_code
_entity_poly.pdbx_strand_id
1 'polypeptide(L)'
;SESQLKKMVSKYKYRDLTVRETVNVITLYKDLKPVLDSYVFNDGSSRELMNLTGTIPVPYRGNTYNIPICLWLLDTYPYN
PPICFVKPTSSMTIKTGKHVDANGKIYLPYLHEWKHPQSDLLGLIQVMIVVFGDEPPVFSRP
;
A
2 'polypeptide(L)' YVEPTAPQVL B
#
# COMPACT_ATOMS: atom_id res chain seq x y z
N SER A 1 -5.82 -17.44 0.63
CA SER A 1 -6.14 -18.54 -0.27
C SER A 1 -6.50 -18.02 -1.66
N GLU A 2 -6.16 -18.79 -2.68
CA GLU A 2 -6.42 -18.39 -4.06
C GLU A 2 -7.92 -18.27 -4.34
N SER A 3 -8.71 -19.07 -3.65
CA SER A 3 -10.15 -19.12 -3.89
C SER A 3 -10.87 -17.88 -3.38
N GLN A 4 -10.67 -17.56 -2.10
CA GLN A 4 -11.31 -16.41 -1.48
C GLN A 4 -10.94 -15.13 -2.22
N LEU A 5 -9.67 -15.02 -2.63
CA LEU A 5 -9.19 -13.86 -3.36
C LEU A 5 -9.93 -13.68 -4.69
N LYS A 6 -10.05 -14.78 -5.44
CA LYS A 6 -10.71 -14.75 -6.74
C LYS A 6 -12.11 -14.16 -6.63
N LYS A 7 -12.77 -14.42 -5.51
CA LYS A 7 -14.14 -13.95 -5.29
C LYS A 7 -14.19 -12.46 -4.97
N MET A 8 -13.17 -11.98 -4.26
CA MET A 8 -13.11 -10.57 -3.87
C MET A 8 -13.03 -9.68 -5.12
N VAL A 9 -12.22 -10.09 -6.09
CA VAL A 9 -12.01 -9.32 -7.30
C VAL A 9 -12.92 -9.81 -8.43
N SER A 10 -14.16 -10.15 -8.08
CA SER A 10 -15.14 -10.60 -9.06
C SER A 10 -15.41 -9.52 -10.10
N LYS A 11 -15.57 -8.28 -9.62
CA LYS A 11 -15.91 -7.17 -10.49
C LYS A 11 -14.68 -6.40 -10.95
N TYR A 12 -13.62 -7.13 -11.29
CA TYR A 12 -12.39 -6.53 -11.81
C TYR A 12 -12.24 -6.80 -13.31
N LYS A 13 -11.60 -5.86 -14.01
CA LYS A 13 -11.43 -5.97 -15.45
C LYS A 13 -10.50 -7.12 -15.83
N TYR A 14 -9.36 -7.19 -15.16
CA TYR A 14 -8.35 -8.21 -15.43
C TYR A 14 -8.07 -9.00 -14.16
N ARG A 15 -8.97 -9.92 -13.85
CA ARG A 15 -8.97 -10.64 -12.58
C ARG A 15 -7.78 -11.59 -12.43
N ASP A 16 -7.47 -12.32 -13.50
CA ASP A 16 -6.41 -13.31 -13.48
C ASP A 16 -5.07 -12.67 -13.13
N LEU A 17 -4.80 -11.50 -13.68
CA LEU A 17 -3.56 -10.78 -13.40
C LEU A 17 -3.56 -10.26 -11.97
N THR A 18 -4.65 -9.58 -11.61
CA THR A 18 -4.78 -8.95 -10.30
C THR A 18 -4.56 -9.93 -9.16
N VAL A 19 -5.08 -11.15 -9.30
CA VAL A 19 -5.02 -12.12 -8.22
C VAL A 19 -3.62 -12.73 -8.11
N ARG A 20 -2.99 -12.97 -9.24
CA ARG A 20 -1.67 -13.62 -9.25
C ARG A 20 -0.62 -12.68 -8.65
N GLU A 21 -0.75 -11.38 -8.91
CA GLU A 21 0.14 -10.40 -8.29
C GLU A 21 -0.17 -10.28 -6.80
N THR A 22 -1.46 -10.31 -6.49
CA THR A 22 -1.93 -10.21 -5.11
C THR A 22 -1.40 -11.37 -4.27
N VAL A 23 -1.56 -12.58 -4.79
CA VAL A 23 -1.09 -13.79 -4.13
C VAL A 23 0.39 -13.68 -3.82
N ASN A 24 1.16 -13.13 -4.76
CA ASN A 24 2.61 -13.06 -4.61
C ASN A 24 3.05 -12.11 -3.49
N VAL A 25 2.44 -10.92 -3.43
CA VAL A 25 2.84 -9.94 -2.42
C VAL A 25 2.41 -10.35 -1.02
N ILE A 26 1.24 -10.99 -0.93
CA ILE A 26 0.73 -11.44 0.35
C ILE A 26 1.59 -12.58 0.89
N THR A 27 2.10 -13.40 -0.02
CA THR A 27 3.02 -14.47 0.36
C THR A 27 4.31 -13.87 0.92
N LEU A 28 4.94 -13.00 0.12
CA LEU A 28 6.22 -12.43 0.47
C LEU A 28 6.11 -11.54 1.71
N TYR A 29 5.05 -10.73 1.76
CA TYR A 29 4.81 -9.83 2.88
C TYR A 29 3.63 -10.35 3.69
N LYS A 30 3.93 -11.10 4.75
CA LYS A 30 2.92 -11.84 5.49
C LYS A 30 1.89 -10.95 6.18
N ASP A 31 2.22 -9.67 6.36
CA ASP A 31 1.37 -8.78 7.14
C ASP A 31 0.55 -7.82 6.30
N LEU A 32 0.53 -8.02 4.99
CA LEU A 32 -0.37 -7.29 4.10
C LEU A 32 -1.58 -8.15 3.76
N LYS A 33 -2.76 -7.69 4.13
CA LYS A 33 -3.99 -8.46 3.95
C LYS A 33 -4.90 -7.86 2.88
N PRO A 34 -5.52 -8.71 2.05
CA PRO A 34 -6.48 -8.24 1.05
C PRO A 34 -7.85 -7.98 1.67
N VAL A 35 -8.43 -6.82 1.37
CA VAL A 35 -9.69 -6.41 1.97
C VAL A 35 -10.54 -5.62 0.99
N LEU A 36 -11.85 -5.88 1.03
CA LEU A 36 -12.80 -5.10 0.23
C LEU A 36 -13.26 -3.90 1.04
N ASP A 37 -13.38 -2.76 0.35
CA ASP A 37 -13.86 -1.53 0.98
C ASP A 37 -14.19 -0.51 -0.10
N SER A 38 -15.19 0.32 0.14
CA SER A 38 -15.62 1.31 -0.84
C SER A 38 -14.65 2.46 -0.94
N TYR A 39 -14.15 2.70 -2.15
CA TYR A 39 -13.30 3.83 -2.45
C TYR A 39 -14.12 4.94 -3.09
N VAL A 40 -13.87 6.19 -2.70
CA VAL A 40 -14.60 7.33 -3.24
C VAL A 40 -13.70 8.09 -4.23
N PHE A 41 -14.16 8.17 -5.48
CA PHE A 41 -13.36 8.79 -6.54
C PHE A 41 -13.47 10.31 -6.53
N ASN A 42 -12.81 10.95 -7.48
CA ASN A 42 -12.79 12.41 -7.56
C ASN A 42 -14.14 13.00 -7.92
N ASP A 43 -15.02 12.17 -8.48
CA ASP A 43 -16.34 12.64 -8.92
C ASP A 43 -17.37 12.55 -7.79
N GLY A 44 -17.21 11.56 -6.91
CA GLY A 44 -18.08 11.39 -5.77
C GLY A 44 -18.70 9.99 -5.67
N SER A 45 -18.44 9.16 -6.68
CA SER A 45 -19.01 7.81 -6.75
C SER A 45 -18.23 6.84 -5.88
N SER A 46 -18.84 5.71 -5.54
CA SER A 46 -18.23 4.71 -4.68
C SER A 46 -18.28 3.31 -5.28
N ARG A 47 -17.14 2.84 -5.79
CA ARG A 47 -17.00 1.45 -6.22
C ARG A 47 -16.32 0.65 -5.12
N GLU A 48 -16.64 -0.64 -5.04
CA GLU A 48 -16.05 -1.51 -4.03
C GLU A 48 -14.74 -2.11 -4.54
N LEU A 49 -13.61 -1.63 -4.01
CA LEU A 49 -12.29 -2.03 -4.48
C LEU A 49 -11.50 -2.82 -3.44
N MET A 50 -10.59 -3.67 -3.90
CA MET A 50 -9.77 -4.44 -2.99
C MET A 50 -8.65 -3.56 -2.44
N ASN A 51 -8.34 -3.75 -1.16
CA ASN A 51 -7.36 -2.93 -0.47
C ASN A 51 -6.33 -3.80 0.26
N LEU A 52 -5.12 -3.83 -0.27
CA LEU A 52 -4.03 -4.51 0.40
C LEU A 52 -3.53 -3.62 1.54
N THR A 53 -3.99 -3.90 2.75
CA THR A 53 -3.69 -3.06 3.90
C THR A 53 -2.94 -3.88 4.96
N GLY A 54 -2.11 -3.17 5.73
CA GLY A 54 -1.29 -3.81 6.74
C GLY A 54 -0.03 -3.00 6.99
N THR A 55 1.06 -3.69 7.34
CA THR A 55 2.34 -3.04 7.55
C THR A 55 3.44 -3.71 6.72
N ILE A 56 4.45 -2.92 6.38
CA ILE A 56 5.65 -3.43 5.72
C ILE A 56 6.86 -3.14 6.60
N PRO A 57 7.83 -4.07 6.66
CA PRO A 57 9.02 -3.83 7.48
C PRO A 57 10.00 -2.87 6.80
N VAL A 58 10.45 -1.85 7.53
CA VAL A 58 11.27 -0.78 6.96
C VAL A 58 12.41 -0.40 7.90
N PRO A 59 13.66 -0.78 7.55
CA PRO A 59 14.81 -0.35 8.35
C PRO A 59 15.02 1.17 8.35
N TYR A 60 15.14 1.74 9.54
CA TYR A 60 15.42 3.16 9.68
C TYR A 60 16.44 3.38 10.79
N ARG A 61 17.70 3.57 10.39
CA ARG A 61 18.78 3.84 11.32
C ARG A 61 18.93 2.72 12.35
N GLY A 62 19.22 1.52 11.84
CA GLY A 62 19.50 0.38 12.70
C GLY A 62 18.28 -0.36 13.21
N ASN A 63 17.12 0.30 13.15
CA ASN A 63 15.87 -0.28 13.64
C ASN A 63 14.85 -0.52 12.53
N THR A 64 14.15 -1.65 12.61
CA THR A 64 13.14 -2.00 11.62
C THR A 64 11.74 -1.71 12.17
N TYR A 65 10.97 -0.92 11.43
CA TYR A 65 9.61 -0.55 11.82
C TYR A 65 8.57 -1.15 10.88
N ASN A 66 7.36 -1.35 11.41
CA ASN A 66 6.25 -1.83 10.62
C ASN A 66 5.38 -0.65 10.17
N ILE A 67 5.78 -0.02 9.08
CA ILE A 67 5.08 1.17 8.58
C ILE A 67 3.72 0.79 7.99
N PRO A 68 2.63 1.34 8.55
CA PRO A 68 1.29 0.98 8.08
C PRO A 68 0.91 1.64 6.76
N ILE A 69 0.36 0.86 5.82
CA ILE A 69 0.03 1.37 4.50
C ILE A 69 -1.28 0.82 3.94
N CYS A 70 -1.77 1.49 2.90
CA CYS A 70 -2.94 1.07 2.15
C CYS A 70 -2.65 1.08 0.67
N LEU A 71 -2.89 -0.05 0.00
CA LEU A 71 -2.71 -0.13 -1.44
C LEU A 71 -4.06 -0.42 -2.12
N TRP A 72 -4.71 0.63 -2.59
CA TRP A 72 -5.98 0.50 -3.30
C TRP A 72 -5.74 0.07 -4.75
N LEU A 73 -6.28 -1.09 -5.11
CA LEU A 73 -6.25 -1.54 -6.50
C LEU A 73 -7.52 -1.14 -7.22
N LEU A 74 -7.37 -0.33 -8.28
CA LEU A 74 -8.51 0.01 -9.13
C LEU A 74 -8.95 -1.23 -9.90
N ASP A 75 -10.15 -1.20 -10.46
CA ASP A 75 -10.66 -2.37 -11.17
C ASP A 75 -10.04 -2.54 -12.55
N THR A 76 -9.32 -1.52 -13.00
CA THR A 76 -8.55 -1.59 -14.24
C THR A 76 -7.14 -2.13 -13.99
N TYR A 77 -6.88 -2.56 -12.75
CA TYR A 77 -5.58 -3.10 -12.40
C TYR A 77 -5.25 -4.30 -13.31
N PRO A 78 -3.97 -4.47 -13.70
CA PRO A 78 -2.71 -3.78 -13.39
C PRO A 78 -2.32 -2.63 -14.31
N TYR A 79 -3.26 -2.10 -15.09
CA TYR A 79 -2.89 -1.10 -16.09
C TYR A 79 -2.95 0.33 -15.54
N ASN A 80 -3.29 0.46 -14.26
CA ASN A 80 -3.15 1.72 -13.54
C ASN A 80 -2.48 1.48 -12.20
N PRO A 81 -1.63 2.43 -11.75
CA PRO A 81 -0.96 2.20 -10.47
C PRO A 81 -1.94 2.14 -9.31
N PRO A 82 -1.59 1.41 -8.23
CA PRO A 82 -2.47 1.46 -7.06
C PRO A 82 -2.53 2.87 -6.49
N ILE A 83 -3.54 3.14 -5.68
CA ILE A 83 -3.61 4.40 -4.95
C ILE A 83 -3.12 4.11 -3.55
N CYS A 84 -1.97 4.70 -3.21
CA CYS A 84 -1.24 4.32 -2.02
C CYS A 84 -1.32 5.35 -0.91
N PHE A 85 -1.57 4.87 0.31
CA PHE A 85 -1.57 5.71 1.50
C PHE A 85 -0.73 5.09 2.59
N VAL A 86 -0.27 5.92 3.52
CA VAL A 86 0.16 5.44 4.82
C VAL A 86 -1.04 5.57 5.74
N LYS A 87 -1.15 4.66 6.71
CA LYS A 87 -2.30 4.65 7.61
C LYS A 87 -1.84 4.78 9.05
N PRO A 88 -1.58 6.02 9.47
CA PRO A 88 -1.06 6.22 10.82
C PRO A 88 -2.07 5.82 11.89
N THR A 89 -1.63 5.05 12.87
CA THR A 89 -2.44 4.80 14.04
C THR A 89 -2.60 6.13 14.77
N SER A 90 -3.51 6.21 15.72
CA SER A 90 -3.80 7.47 16.40
C SER A 90 -2.60 8.01 17.19
N SER A 91 -1.60 7.16 17.40
CA SER A 91 -0.40 7.55 18.14
C SER A 91 0.75 7.96 17.22
N MET A 92 0.50 7.91 15.92
CA MET A 92 1.49 8.33 14.93
C MET A 92 1.10 9.68 14.33
N THR A 93 2.02 10.27 13.58
CA THR A 93 1.76 11.48 12.82
C THR A 93 2.39 11.35 11.45
N ILE A 94 1.77 11.96 10.45
CA ILE A 94 2.29 11.90 9.09
C ILE A 94 3.38 12.94 8.86
N LYS A 95 4.55 12.48 8.47
CA LYS A 95 5.63 13.37 8.06
C LYS A 95 5.41 13.79 6.62
N THR A 96 4.96 15.02 6.42
CA THR A 96 4.75 15.55 5.08
C THR A 96 6.10 15.66 4.36
N GLY A 97 6.08 15.46 3.05
CA GLY A 97 7.30 15.53 2.26
C GLY A 97 6.99 15.48 0.78
N LYS A 98 8.02 15.17 -0.02
CA LYS A 98 7.86 15.10 -1.46
C LYS A 98 6.96 13.94 -1.87
N HIS A 99 7.04 12.85 -1.12
CA HIS A 99 6.34 11.61 -1.48
C HIS A 99 5.09 11.37 -0.65
N VAL A 100 4.75 12.31 0.24
CA VAL A 100 3.62 12.13 1.14
C VAL A 100 2.90 13.46 1.40
N ASP A 101 1.56 13.45 1.30
CA ASP A 101 0.77 14.63 1.66
C ASP A 101 0.15 14.42 3.03
N ALA A 102 -0.55 15.45 3.52
CA ALA A 102 -1.08 15.41 4.88
C ALA A 102 -2.21 14.38 5.04
N ASN A 103 -2.81 13.96 3.93
CA ASN A 103 -3.82 12.90 3.97
C ASN A 103 -3.20 11.51 3.94
N GLY A 104 -1.87 11.46 3.86
CA GLY A 104 -1.15 10.20 3.90
C GLY A 104 -0.97 9.55 2.53
N LYS A 105 -1.45 10.22 1.50
CA LYS A 105 -1.35 9.69 0.13
C LYS A 105 0.11 9.70 -0.33
N ILE A 106 0.53 8.61 -0.96
CA ILE A 106 1.91 8.44 -1.37
C ILE A 106 2.11 8.80 -2.85
N TYR A 107 3.22 9.47 -3.14
CA TYR A 107 3.59 9.83 -4.50
C TYR A 107 5.01 9.35 -4.78
N LEU A 108 5.17 8.51 -5.80
CA LEU A 108 6.46 7.94 -6.14
C LEU A 108 6.68 7.93 -7.65
N PRO A 109 7.94 8.05 -8.09
CA PRO A 109 8.23 7.88 -9.52
C PRO A 109 7.71 6.54 -10.04
N TYR A 110 7.78 5.51 -9.21
CA TYR A 110 7.37 4.17 -9.60
C TYR A 110 5.87 4.12 -9.90
N LEU A 111 5.10 4.84 -9.11
CA LEU A 111 3.66 4.93 -9.32
C LEU A 111 3.34 5.74 -10.57
N HIS A 112 4.06 6.85 -10.75
CA HIS A 112 3.84 7.71 -11.90
C HIS A 112 4.13 6.99 -13.22
N GLU A 113 5.28 6.34 -13.29
CA GLU A 113 5.73 5.67 -14.50
C GLU A 113 5.27 4.22 -14.54
N TRP A 114 4.17 3.94 -13.83
CA TRP A 114 3.59 2.61 -13.80
C TRP A 114 3.19 2.17 -15.20
N LYS A 115 3.56 0.94 -15.55
CA LYS A 115 3.22 0.37 -16.85
C LYS A 115 3.28 -1.15 -16.77
N HIS A 116 2.17 -1.82 -17.10
CA HIS A 116 2.12 -3.28 -17.08
C HIS A 116 2.57 -3.85 -18.43
N PRO A 117 3.36 -4.93 -18.41
CA PRO A 117 3.85 -5.71 -17.26
C PRO A 117 5.15 -5.18 -16.66
N GLN A 118 5.61 -4.02 -17.12
CA GLN A 118 6.85 -3.44 -16.63
C GLN A 118 6.80 -3.25 -15.11
N SER A 119 5.66 -2.84 -14.59
CA SER A 119 5.50 -2.58 -13.16
C SER A 119 4.51 -3.55 -12.52
N ASP A 120 4.71 -3.83 -11.24
CA ASP A 120 3.77 -4.64 -10.46
C ASP A 120 3.86 -4.27 -8.98
N LEU A 121 3.11 -4.98 -8.15
CA LEU A 121 3.05 -4.64 -6.72
C LEU A 121 4.36 -4.91 -5.99
N LEU A 122 4.94 -6.08 -6.24
CA LEU A 122 6.19 -6.47 -5.59
C LEU A 122 7.25 -5.40 -5.78
N GLY A 123 7.32 -4.87 -6.99
CA GLY A 123 8.26 -3.80 -7.31
C GLY A 123 7.96 -2.55 -6.52
N LEU A 124 6.67 -2.21 -6.41
CA LEU A 124 6.24 -1.00 -5.70
C LEU A 124 6.59 -1.04 -4.21
N ILE A 125 6.44 -2.21 -3.59
CA ILE A 125 6.71 -2.36 -2.18
C ILE A 125 8.21 -2.32 -1.91
N GLN A 126 8.98 -2.92 -2.82
CA GLN A 126 10.43 -2.87 -2.74
C GLN A 126 10.88 -1.42 -2.70
N VAL A 127 10.40 -0.62 -3.65
CA VAL A 127 10.73 0.80 -3.71
C VAL A 127 10.29 1.51 -2.43
N MET A 128 9.07 1.23 -1.98
CA MET A 128 8.54 1.84 -0.78
C MET A 128 9.45 1.64 0.43
N ILE A 129 9.89 0.40 0.62
CA ILE A 129 10.74 0.05 1.75
C ILE A 129 12.05 0.85 1.70
N VAL A 130 12.47 1.23 0.49
CA VAL A 130 13.67 2.06 0.32
C VAL A 130 13.36 3.52 0.68
N VAL A 131 12.30 4.06 0.09
CA VAL A 131 11.96 5.47 0.27
C VAL A 131 11.64 5.77 1.72
N PHE A 132 10.87 4.89 2.36
CA PHE A 132 10.51 5.10 3.76
C PHE A 132 11.71 4.85 4.68
N GLY A 133 12.61 3.97 4.24
CA GLY A 133 13.81 3.69 4.99
C GLY A 133 14.74 4.89 5.06
N ASP A 134 14.69 5.71 4.01
CA ASP A 134 15.51 6.92 3.96
C ASP A 134 14.78 8.10 4.62
N GLU A 135 13.48 8.18 4.37
CA GLU A 135 12.66 9.25 4.92
C GLU A 135 11.31 8.70 5.37
N PRO A 136 11.19 8.32 6.65
CA PRO A 136 9.95 7.71 7.16
C PRO A 136 8.72 8.60 6.94
N PRO A 137 7.62 8.01 6.46
CA PRO A 137 6.42 8.81 6.21
C PRO A 137 5.62 9.07 7.48
N VAL A 138 5.82 8.22 8.49
CA VAL A 138 5.14 8.37 9.76
C VAL A 138 6.12 8.36 10.93
N PHE A 139 5.81 9.10 11.97
CA PHE A 139 6.57 9.09 13.21
C PHE A 139 5.62 8.84 14.38
N SER A 140 6.13 8.19 15.43
CA SER A 140 5.36 7.98 16.64
C SER A 140 5.46 9.21 17.54
N ARG A 141 4.30 9.69 18.02
CA ARG A 141 4.26 10.86 18.88
C ARG A 141 4.75 10.52 20.28
N PRO A 142 5.18 11.55 21.04
CA PRO A 142 5.62 11.30 22.42
C PRO A 142 4.46 10.94 23.33
N TYR B 1 -0.12 -11.69 15.04
CA TYR B 1 -0.41 -10.32 14.65
C TYR B 1 0.75 -9.37 14.96
N VAL B 2 1.08 -8.51 13.99
CA VAL B 2 2.12 -7.52 14.16
C VAL B 2 1.51 -6.14 14.42
N GLU B 3 2.07 -5.44 15.39
CA GLU B 3 1.63 -4.08 15.72
C GLU B 3 2.36 -3.05 14.85
N PRO B 4 1.62 -2.12 14.23
CA PRO B 4 2.28 -1.06 13.46
C PRO B 4 3.22 -0.22 14.33
N THR B 5 4.36 0.17 13.78
CA THR B 5 5.34 0.97 14.51
C THR B 5 5.94 2.05 13.61
N ALA B 6 6.40 3.13 14.23
CA ALA B 6 7.05 4.23 13.52
C ALA B 6 8.15 4.83 14.40
N PRO B 7 9.16 5.46 13.80
CA PRO B 7 10.23 6.08 14.59
C PRO B 7 9.71 7.19 15.50
N GLN B 8 10.25 7.27 16.71
CA GLN B 8 9.79 8.24 17.70
C GLN B 8 10.19 9.67 17.32
N VAL B 9 9.25 10.60 17.46
CA VAL B 9 9.55 12.01 17.26
C VAL B 9 10.55 12.47 18.33
N LEU B 10 11.65 13.08 17.90
CA LEU B 10 12.71 13.47 18.81
C LEU B 10 12.51 14.89 19.36
#